data_3LOQ
#
_entry.id   3LOQ
#
_cell.length_a   72.308
_cell.length_b   89.169
_cell.length_c   137.784
_cell.angle_alpha   90.00
_cell.angle_beta   90.00
_cell.angle_gamma   90.00
#
_symmetry.space_group_name_H-M   'P 21 21 21'
#
loop_
_entity.id
_entity.type
_entity.pdbx_description
1 polymer 'universal stress protein'
2 non-polymer 'ADENOSINE MONOPHOSPHATE'
3 non-polymer 'CHLORIDE ION'
4 non-polymer 'ACETATE ION'
5 water water
#
_entity_poly.entity_id   1
_entity_poly.type   'polypeptide(L)'
_entity_poly.pdbx_seq_one_letter_code
;(MSE)HHHHHHSSGVDLGTENLYFQSNA(MSE)LLPTDLSENSFKVLEYLGDFKKVGVEEIGVLFVINLTKLSTVSGGID
IDHYIDE(MSE)SEKAEEVLPEVAQKIEAAGIKAEVIKPFPAGDPVVEIIKASENYSFIA(MSE)GSRGASKFKKILLGS
VSEGVLHDSKVPVYIFKHD(MSE)VVNSLFDRVLVAYDFSKWADRALEYAKFVVKKTGGELHIIHVSEDGDKTADLRV
(MSE)EEVIGAEGIEVHVHIESGTPHKAILAKREEINATTIF(MSE)GSRGAGSV(MSE)T(MSE)ILGSTSESVIRRSP
VPVFVCKRGDDE
;
_entity_poly.pdbx_strand_id   A,B
#
# COMPACT_ATOMS: atom_id res chain seq x y z
N ASN A 17 -7.91 26.07 -22.59
CA ASN A 17 -8.51 26.19 -21.26
C ASN A 17 -7.57 26.84 -20.26
N LEU A 18 -8.14 27.33 -19.17
CA LEU A 18 -7.40 27.53 -17.93
C LEU A 18 -7.66 26.24 -17.18
N TYR A 19 -6.63 25.64 -16.59
CA TYR A 19 -6.82 24.34 -15.97
C TYR A 19 -6.86 24.44 -14.44
N PHE A 20 -5.69 24.57 -13.84
CA PHE A 20 -5.60 24.91 -12.43
C PHE A 20 -5.49 26.41 -12.32
N GLN A 21 -5.37 27.06 -13.47
CA GLN A 21 -5.18 28.50 -13.54
C GLN A 21 -6.28 29.25 -12.77
N SER A 22 -5.88 30.03 -11.77
CA SER A 22 -6.80 30.80 -10.95
C SER A 22 -7.85 29.93 -10.25
N ASN A 23 -7.48 28.69 -9.95
CA ASN A 23 -8.43 27.73 -9.43
C ASN A 23 -8.88 27.98 -8.01
N ALA A 24 -10.17 27.77 -7.77
CA ALA A 24 -10.69 27.55 -6.44
C ALA A 24 -10.71 26.04 -6.21
N LEU A 26 -11.80 22.77 -3.75
CA LEU A 26 -12.66 22.33 -2.66
C LEU A 26 -11.91 21.33 -1.81
N LEU A 27 -11.79 21.61 -0.53
CA LEU A 27 -11.12 20.70 0.41
C LEU A 27 -12.06 20.18 1.50
N PRO A 28 -12.60 18.97 1.28
CA PRO A 28 -13.48 18.37 2.31
C PRO A 28 -12.64 17.91 3.48
N THR A 29 -13.17 18.00 4.70
CA THR A 29 -12.47 17.44 5.85
C THR A 29 -13.43 16.93 6.93
N ASP A 30 -13.13 15.74 7.43
CA ASP A 30 -13.77 15.21 8.63
C ASP A 30 -12.82 15.40 9.82
N LEU A 31 -11.83 16.26 9.66
CA LEU A 31 -10.87 16.58 10.73
C LEU A 31 -9.86 15.46 10.99
N SER A 32 -9.86 14.42 10.17
CA SER A 32 -8.97 13.28 10.37
C SER A 32 -7.57 13.63 9.89
N GLU A 33 -6.58 12.92 10.40
CA GLU A 33 -5.23 13.11 9.92
C GLU A 33 -5.16 12.90 8.38
N ASN A 34 -5.82 11.85 7.88
CA ASN A 34 -5.75 11.60 6.44
C ASN A 34 -6.32 12.75 5.61
N SER A 35 -7.34 13.42 6.13
CA SER A 35 -7.91 14.56 5.40
C SER A 35 -6.95 15.76 5.26
N PHE A 36 -5.96 15.84 6.14
CA PHE A 36 -5.01 16.97 6.15
C PHE A 36 -3.76 16.76 5.31
N LYS A 37 -3.57 15.56 4.77
CA LYS A 37 -2.39 15.29 3.94
C LYS A 37 -2.30 16.31 2.82
N VAL A 38 -3.45 16.68 2.26
CA VAL A 38 -3.49 17.62 1.16
C VAL A 38 -2.74 18.90 1.52
N LEU A 39 -2.79 19.27 2.80
CA LEU A 39 -2.22 20.53 3.26
C LEU A 39 -0.70 20.58 3.16
N GLU A 40 -0.08 19.41 3.06
CA GLU A 40 1.37 19.36 2.90
C GLU A 40 1.80 19.77 1.49
N TYR A 41 0.84 19.84 0.57
CA TYR A 41 1.15 20.10 -0.82
C TYR A 41 0.74 21.51 -1.26
N LEU A 42 0.42 22.36 -0.30
CA LEU A 42 -0.05 23.71 -0.64
C LEU A 42 0.92 24.46 -1.57
N GLY A 43 2.23 24.31 -1.35
CA GLY A 43 3.23 24.94 -2.21
C GLY A 43 3.07 24.51 -3.67
N ASP A 44 2.89 23.21 -3.87
CA ASP A 44 2.73 22.66 -5.22
C ASP A 44 1.51 23.24 -5.91
N PHE A 45 0.42 23.38 -5.17
CA PHE A 45 -0.81 23.88 -5.75
C PHE A 45 -0.71 25.36 -6.06
N LYS A 46 -0.02 26.11 -5.21
CA LYS A 46 0.13 27.53 -5.45
C LYS A 46 0.89 27.76 -6.75
N LYS A 47 1.88 26.91 -7.01
CA LYS A 47 2.71 27.05 -8.19
C LYS A 47 2.01 26.71 -9.49
N VAL A 48 0.86 26.01 -9.42
CA VAL A 48 0.08 25.78 -10.64
C VAL A 48 -1.15 26.69 -10.76
N GLY A 49 -1.32 27.60 -9.82
CA GLY A 49 -2.36 28.60 -9.97
C GLY A 49 -3.54 28.55 -9.00
N VAL A 50 -3.58 27.58 -8.10
CA VAL A 50 -4.61 27.56 -7.08
C VAL A 50 -4.50 28.83 -6.22
N GLU A 51 -5.57 29.61 -6.16
CA GLU A 51 -5.56 30.89 -5.47
C GLU A 51 -6.47 30.91 -4.25
N GLU A 52 -7.44 30.00 -4.20
CA GLU A 52 -8.35 29.96 -3.07
C GLU A 52 -8.76 28.55 -2.75
N ILE A 53 -8.94 28.29 -1.47
CA ILE A 53 -9.40 26.99 -1.01
C ILE A 53 -10.62 27.11 -0.13
N GLY A 54 -11.68 26.41 -0.50
CA GLY A 54 -12.85 26.29 0.36
C GLY A 54 -12.74 25.05 1.22
N VAL A 55 -12.79 25.21 2.54
CA VAL A 55 -12.72 24.09 3.46
C VAL A 55 -14.13 23.66 3.92
N LEU A 56 -14.48 22.42 3.62
CA LEU A 56 -15.83 21.91 3.85
C LEU A 56 -15.89 20.79 4.89
N PHE A 57 -16.59 21.06 5.98
CA PHE A 57 -16.80 20.06 7.01
C PHE A 57 -18.27 19.72 7.03
N VAL A 58 -18.58 18.44 6.98
CA VAL A 58 -19.98 18.04 6.94
C VAL A 58 -20.29 17.31 8.24
N ILE A 59 -21.39 17.69 8.88
CA ILE A 59 -21.91 16.90 10.00
C ILE A 59 -22.59 15.67 9.42
N ASN A 60 -21.98 14.52 9.66
CA ASN A 60 -22.40 13.29 9.03
C ASN A 60 -23.58 12.65 9.76
N LEU A 61 -24.78 12.87 9.25
CA LEU A 61 -25.99 12.30 9.83
C LEU A 61 -26.22 10.89 9.34
N THR A 62 -25.53 10.54 8.27
CA THR A 62 -25.72 9.25 7.61
C THR A 62 -25.59 8.07 8.57
N LYS A 63 -24.53 8.09 9.36
CA LYS A 63 -24.25 7.01 10.30
C LYS A 63 -25.42 6.67 11.23
N LEU A 64 -26.14 7.70 11.70
CA LEU A 64 -27.26 7.50 12.60
C LEU A 64 -28.43 6.80 11.93
N GLY A 70 -30.65 6.03 18.25
CA GLY A 70 -29.98 5.57 19.45
C GLY A 70 -29.40 6.70 20.28
N ILE A 71 -29.27 7.88 19.67
CA ILE A 71 -28.76 9.06 20.36
C ILE A 71 -29.26 10.35 19.69
N ASP A 72 -29.57 11.36 20.50
CA ASP A 72 -30.23 12.58 20.02
C ASP A 72 -29.45 13.37 18.99
N ILE A 73 -30.13 13.73 17.90
CA ILE A 73 -29.47 14.30 16.72
C ILE A 73 -29.58 15.82 16.62
N ASP A 74 -29.30 16.50 17.73
CA ASP A 74 -29.21 17.96 17.70
C ASP A 74 -28.12 18.38 18.65
N HIS A 75 -27.92 17.55 19.67
CA HIS A 75 -26.74 17.63 20.49
C HIS A 75 -25.55 17.19 19.64
N TYR A 76 -25.80 16.28 18.71
CA TYR A 76 -24.77 15.78 17.80
C TYR A 76 -24.30 16.87 16.83
N ILE A 77 -25.24 17.58 16.23
CA ILE A 77 -24.89 18.72 15.40
C ILE A 77 -24.03 19.67 16.21
N ASP A 78 -24.34 19.79 17.49
CA ASP A 78 -23.64 20.72 18.34
C ASP A 78 -22.26 20.21 18.79
N GLU A 79 -22.19 18.96 19.22
CA GLU A 79 -20.91 18.33 19.47
C GLU A 79 -20.03 18.55 18.25
N SER A 81 -20.20 20.50 15.59
CA SER A 81 -19.91 21.89 15.23
C SER A 81 -18.81 22.48 16.09
N GLU A 82 -18.80 22.13 17.39
N GLU A 82 -18.84 22.13 17.38
CA GLU A 82 -17.78 22.63 18.31
CA GLU A 82 -17.83 22.55 18.35
C GLU A 82 -16.41 22.06 17.99
C GLU A 82 -16.46 22.07 17.93
N LYS A 83 -16.37 20.77 17.66
CA LYS A 83 -15.12 20.14 17.27
C LYS A 83 -14.52 20.82 16.03
N ALA A 84 -15.33 21.03 15.01
CA ALA A 84 -14.84 21.69 13.80
C ALA A 84 -14.29 23.10 14.09
N GLU A 85 -14.99 23.83 14.96
CA GLU A 85 -14.62 25.21 15.24
C GLU A 85 -13.32 25.34 16.03
N GLU A 86 -12.97 24.27 16.76
CA GLU A 86 -11.67 24.20 17.41
C GLU A 86 -10.54 23.92 16.42
N VAL A 87 -10.84 23.13 15.40
CA VAL A 87 -9.79 22.62 14.51
C VAL A 87 -9.65 23.41 13.22
N LEU A 88 -10.75 23.65 12.54
CA LEU A 88 -10.73 24.33 11.24
C LEU A 88 -9.92 25.65 11.19
N PRO A 89 -9.93 26.44 12.27
CA PRO A 89 -9.11 27.67 12.19
C PRO A 89 -7.63 27.34 11.97
N GLU A 90 -7.17 26.20 12.48
CA GLU A 90 -5.81 25.72 12.20
C GLU A 90 -5.65 25.46 10.70
N VAL A 91 -6.66 24.82 10.11
CA VAL A 91 -6.62 24.56 8.67
C VAL A 91 -6.57 25.89 7.94
N ALA A 92 -7.45 26.81 8.31
CA ALA A 92 -7.48 28.10 7.61
C ALA A 92 -6.15 28.79 7.78
N GLN A 93 -5.58 28.71 8.98
CA GLN A 93 -4.29 29.34 9.27
C GLN A 93 -3.21 28.83 8.34
N LYS A 94 -3.11 27.51 8.23
CA LYS A 94 -2.04 26.88 7.45
C LYS A 94 -2.15 27.26 5.96
N ILE A 95 -3.39 27.33 5.44
CA ILE A 95 -3.63 27.77 4.07
C ILE A 95 -3.21 29.23 3.85
N GLU A 96 -3.64 30.12 4.74
CA GLU A 96 -3.26 31.53 4.65
C GLU A 96 -1.75 31.67 4.65
N ALA A 97 -1.09 30.87 5.47
CA ALA A 97 0.36 30.99 5.64
C ALA A 97 1.09 30.63 4.36
N ALA A 98 0.42 29.88 3.48
CA ALA A 98 1.02 29.47 2.22
C ALA A 98 0.71 30.47 1.11
N GLY A 99 0.09 31.58 1.48
CA GLY A 99 -0.25 32.62 0.53
C GLY A 99 -1.42 32.24 -0.38
N ILE A 100 -2.34 31.44 0.15
CA ILE A 100 -3.57 31.11 -0.54
C ILE A 100 -4.77 31.58 0.27
N LYS A 101 -5.77 32.15 -0.39
CA LYS A 101 -6.99 32.55 0.30
C LYS A 101 -7.73 31.31 0.85
N ALA A 102 -8.20 31.40 2.07
CA ALA A 102 -8.94 30.31 2.69
C ALA A 102 -10.34 30.74 3.08
N GLU A 103 -11.31 29.86 2.87
CA GLU A 103 -12.67 30.09 3.34
C GLU A 103 -13.22 28.85 4.01
N VAL A 104 -13.55 28.96 5.28
CA VAL A 104 -14.19 27.87 5.97
C VAL A 104 -15.66 27.98 5.64
N ILE A 105 -16.18 26.98 4.92
CA ILE A 105 -17.56 27.05 4.43
C ILE A 105 -18.56 26.91 5.57
N LYS A 106 -19.47 27.86 5.62
CA LYS A 106 -20.45 27.93 6.70
C LYS A 106 -21.80 28.36 6.16
N PRO A 107 -22.88 27.89 6.80
CA PRO A 107 -22.84 26.95 7.93
C PRO A 107 -22.41 25.54 7.51
N PHE A 108 -22.05 24.71 8.49
CA PHE A 108 -21.69 23.32 8.20
C PHE A 108 -22.92 22.55 7.76
N PRO A 109 -22.90 22.02 6.54
CA PRO A 109 -24.02 21.18 6.11
C PRO A 109 -24.15 19.98 7.03
N ALA A 110 -25.39 19.56 7.29
CA ALA A 110 -25.64 18.28 7.97
C ALA A 110 -26.39 17.33 7.03
N GLY A 111 -25.88 16.12 6.92
CA GLY A 111 -26.46 15.13 6.05
C GLY A 111 -25.44 14.08 5.65
N ASP A 112 -25.34 13.86 4.35
CA ASP A 112 -24.47 12.85 3.78
C ASP A 112 -23.22 13.52 3.25
N PRO A 113 -22.04 13.12 3.75
CA PRO A 113 -20.85 13.81 3.25
C PRO A 113 -20.72 13.73 1.73
N VAL A 114 -20.99 12.59 1.13
CA VAL A 114 -20.79 12.47 -0.31
C VAL A 114 -21.67 13.45 -1.08
N VAL A 115 -22.96 13.48 -0.73
CA VAL A 115 -23.90 14.39 -1.36
C VAL A 115 -23.51 15.84 -1.12
N GLU A 116 -23.14 16.17 0.10
CA GLU A 116 -22.81 17.57 0.40
C GLU A 116 -21.52 18.03 -0.29
N ILE A 117 -20.56 17.11 -0.43
CA ILE A 117 -19.33 17.46 -1.09
C ILE A 117 -19.61 17.72 -2.56
N ILE A 118 -20.30 16.80 -3.22
CA ILE A 118 -20.62 16.97 -4.62
C ILE A 118 -21.43 18.25 -4.82
N LYS A 119 -22.39 18.48 -3.94
CA LYS A 119 -23.24 19.66 -4.03
C LYS A 119 -22.39 20.92 -4.05
N ALA A 120 -21.49 21.04 -3.08
CA ALA A 120 -20.57 22.17 -2.94
C ALA A 120 -19.61 22.31 -4.11
N SER A 121 -19.27 21.19 -4.74
CA SER A 121 -18.19 21.19 -5.74
C SER A 121 -18.56 21.95 -7.00
N GLU A 122 -19.84 22.25 -7.18
CA GLU A 122 -20.29 22.99 -8.36
C GLU A 122 -19.63 24.36 -8.38
N ASN A 123 -19.30 24.86 -7.20
CA ASN A 123 -18.65 26.15 -7.06
C ASN A 123 -17.13 26.14 -7.16
N TYR A 124 -16.51 24.98 -7.42
CA TYR A 124 -15.04 24.90 -7.41
C TYR A 124 -14.49 24.28 -8.68
N SER A 125 -13.18 24.39 -8.88
CA SER A 125 -12.54 23.84 -10.07
C SER A 125 -12.19 22.37 -9.91
N PHE A 126 -11.88 21.97 -8.69
CA PHE A 126 -11.64 20.56 -8.40
C PHE A 126 -11.65 20.27 -6.93
N ILE A 127 -11.65 18.98 -6.63
CA ILE A 127 -11.69 18.51 -5.26
C ILE A 127 -10.36 17.85 -4.92
N ALA A 128 -9.77 18.24 -3.80
CA ALA A 128 -8.57 17.58 -3.29
C ALA A 128 -8.94 17.01 -1.95
N GLY A 130 -8.52 13.46 1.08
CA GLY A 130 -7.78 12.31 1.57
C GLY A 130 -8.55 11.02 1.35
N SER A 131 -7.96 9.91 1.79
CA SER A 131 -8.64 8.63 1.83
C SER A 131 -7.94 7.81 2.90
N ARG A 132 -8.68 6.95 3.61
CA ARG A 132 -8.03 6.16 4.64
C ARG A 132 -7.36 4.93 4.03
N GLY A 133 -7.42 4.80 2.72
CA GLY A 133 -6.81 3.66 2.03
C GLY A 133 -7.42 2.31 2.40
N ALA A 134 -8.70 2.30 2.76
CA ALA A 134 -9.37 1.07 3.17
C ALA A 134 -9.38 0.05 2.04
N SER A 135 -9.33 -1.23 2.40
CA SER A 135 -9.44 -2.30 1.42
C SER A 135 -10.82 -2.26 0.76
N LYS A 136 -10.95 -2.92 -0.38
CA LYS A 136 -12.25 -3.02 -1.05
C LYS A 136 -13.32 -3.43 -0.03
N PHE A 137 -13.02 -4.47 0.74
CA PHE A 137 -13.96 -5.00 1.72
C PHE A 137 -14.40 -3.95 2.72
N LYS A 138 -13.43 -3.24 3.31
CA LYS A 138 -13.76 -2.23 4.29
C LYS A 138 -14.50 -1.08 3.64
N LYS A 139 -14.14 -0.74 2.40
CA LYS A 139 -14.88 0.31 1.70
C LYS A 139 -16.37 -0.08 1.60
N ILE A 140 -16.62 -1.33 1.26
CA ILE A 140 -17.98 -1.79 1.10
C ILE A 140 -18.67 -1.91 2.43
N LEU A 141 -17.98 -2.51 3.40
CA LEU A 141 -18.57 -2.72 4.71
C LEU A 141 -18.91 -1.41 5.44
N LEU A 142 -18.02 -0.43 5.36
CA LEU A 142 -18.10 0.71 6.27
C LEU A 142 -18.38 2.02 5.58
N GLY A 143 -18.32 2.01 4.26
CA GLY A 143 -18.53 3.23 3.50
C GLY A 143 -17.21 3.87 3.11
N SER A 144 -17.24 4.63 2.02
CA SER A 144 -16.07 5.33 1.53
C SER A 144 -16.55 6.61 0.91
N VAL A 145 -16.28 7.73 1.59
CA VAL A 145 -16.63 9.05 1.10
C VAL A 145 -15.84 9.38 -0.15
N SER A 146 -14.59 8.94 -0.21
CA SER A 146 -13.76 9.26 -1.37
C SER A 146 -14.25 8.50 -2.61
N GLU A 147 -14.65 7.25 -2.45
CA GLU A 147 -15.22 6.53 -3.59
C GLU A 147 -16.57 7.12 -4.05
N GLY A 148 -17.41 7.50 -3.10
CA GLY A 148 -18.66 8.16 -3.42
C GLY A 148 -18.43 9.43 -4.25
N VAL A 149 -17.55 10.30 -3.76
CA VAL A 149 -17.22 11.54 -4.46
C VAL A 149 -16.64 11.22 -5.84
N LEU A 150 -15.72 10.26 -5.90
CA LEU A 150 -15.08 9.90 -7.15
C LEU A 150 -16.10 9.41 -8.13
N HIS A 151 -17.13 8.73 -7.62
CA HIS A 151 -18.14 8.18 -8.51
C HIS A 151 -19.03 9.25 -9.13
N ASP A 152 -19.44 10.26 -8.38
CA ASP A 152 -20.43 11.18 -8.95
C ASP A 152 -19.92 12.56 -9.29
N SER A 153 -18.68 12.87 -8.93
CA SER A 153 -18.18 14.23 -9.13
C SER A 153 -18.10 14.56 -10.60
N LYS A 154 -18.34 15.83 -10.92
CA LYS A 154 -18.18 16.29 -12.31
C LYS A 154 -16.84 17.02 -12.48
N VAL A 155 -16.33 17.58 -11.40
CA VAL A 155 -15.01 18.20 -11.43
C VAL A 155 -13.98 17.14 -11.08
N PRO A 156 -12.70 17.39 -11.40
CA PRO A 156 -11.69 16.39 -11.07
C PRO A 156 -11.56 16.22 -9.57
N VAL A 157 -11.11 15.04 -9.17
CA VAL A 157 -10.94 14.66 -7.78
C VAL A 157 -9.52 14.17 -7.61
N TYR A 158 -8.78 14.77 -6.67
CA TYR A 158 -7.37 14.50 -6.49
C TYR A 158 -7.19 13.88 -5.11
N ILE A 159 -6.75 12.60 -5.07
CA ILE A 159 -6.65 11.86 -3.81
C ILE A 159 -5.22 11.86 -3.20
N PHE A 160 -5.10 12.32 -1.96
CA PHE A 160 -3.84 12.39 -1.26
C PHE A 160 -3.88 11.50 -0.02
N LYS A 161 -2.86 10.66 0.15
CA LYS A 161 -2.74 9.82 1.36
C LYS A 161 -1.42 10.01 2.12
N HIS A 162 -0.37 10.39 1.39
CA HIS A 162 0.97 10.47 1.95
C HIS A 162 1.72 11.70 1.46
N ASP A 163 2.84 11.99 2.12
CA ASP A 163 3.60 13.20 1.84
C ASP A 163 4.94 12.88 1.16
N VAL A 165 5.99 13.02 -1.81
CA VAL A 165 6.49 13.85 -2.89
C VAL A 165 6.15 15.35 -2.79
N VAL A 166 6.11 15.89 -1.57
CA VAL A 166 5.84 17.32 -1.41
C VAL A 166 6.95 18.13 -2.06
N ASN A 167 6.57 19.29 -2.62
CA ASN A 167 7.47 20.11 -3.42
C ASN A 167 7.93 19.46 -4.75
N SER A 168 7.46 18.25 -5.03
CA SER A 168 7.87 17.53 -6.23
C SER A 168 6.65 16.97 -6.95
N LEU A 169 5.47 17.40 -6.53
CA LEU A 169 4.23 16.79 -6.97
C LEU A 169 4.16 16.61 -8.50
N PHE A 170 4.44 17.66 -9.25
CA PHE A 170 4.34 17.58 -10.70
C PHE A 170 5.66 17.43 -11.44
N ASP A 171 6.70 16.89 -10.79
CA ASP A 171 7.98 16.71 -11.48
C ASP A 171 7.95 15.61 -12.55
N ARG A 172 7.32 14.48 -12.22
CA ARG A 172 7.21 13.37 -13.15
C ARG A 172 5.76 12.91 -13.15
N VAL A 173 5.00 13.36 -14.12
CA VAL A 173 3.60 13.03 -14.18
C VAL A 173 3.39 11.83 -15.09
N LEU A 174 2.74 10.80 -14.53
CA LEU A 174 2.37 9.60 -15.28
C LEU A 174 0.87 9.61 -15.61
N VAL A 175 0.55 9.52 -16.90
CA VAL A 175 -0.83 9.53 -17.33
C VAL A 175 -1.25 8.15 -17.81
N ALA A 176 -2.20 7.55 -17.13
CA ALA A 176 -2.83 6.34 -17.65
C ALA A 176 -3.77 6.79 -18.78
N TYR A 177 -3.51 6.35 -20.00
CA TYR A 177 -4.16 6.93 -21.16
C TYR A 177 -4.75 5.90 -22.11
N ASP A 178 -6.05 5.98 -22.35
CA ASP A 178 -6.72 5.01 -23.22
C ASP A 178 -7.46 5.66 -24.38
N PHE A 179 -7.16 6.93 -24.67
CA PHE A 179 -7.79 7.64 -25.79
C PHE A 179 -9.22 8.10 -25.55
N SER A 180 -9.79 7.77 -24.40
CA SER A 180 -11.18 8.12 -24.09
C SER A 180 -11.24 9.61 -23.83
N LYS A 181 -12.44 10.18 -23.78
CA LYS A 181 -12.53 11.62 -23.54
C LYS A 181 -12.04 11.98 -22.13
N TRP A 182 -12.25 11.10 -21.15
CA TRP A 182 -11.75 11.33 -19.80
C TRP A 182 -10.22 11.32 -19.75
N ALA A 183 -9.60 10.32 -20.37
CA ALA A 183 -8.14 10.28 -20.47
C ALA A 183 -7.60 11.50 -21.23
N ASP A 184 -8.31 11.90 -22.28
CA ASP A 184 -7.90 13.05 -23.09
C ASP A 184 -7.77 14.26 -22.21
N ARG A 185 -8.78 14.51 -21.39
CA ARG A 185 -8.72 15.69 -20.53
C ARG A 185 -7.69 15.51 -19.41
N ALA A 186 -7.52 14.29 -18.93
CA ALA A 186 -6.43 13.99 -17.99
C ALA A 186 -5.07 14.34 -18.60
N LEU A 187 -4.88 13.97 -19.86
CA LEU A 187 -3.65 14.30 -20.58
C LEU A 187 -3.45 15.81 -20.66
N GLU A 188 -4.53 16.56 -20.84
CA GLU A 188 -4.40 18.00 -21.01
C GLU A 188 -4.04 18.68 -19.71
N TYR A 189 -4.61 18.21 -18.61
CA TYR A 189 -4.18 18.70 -17.31
C TYR A 189 -2.71 18.36 -17.12
N ALA A 190 -2.31 17.18 -17.55
CA ALA A 190 -0.93 16.74 -17.32
C ALA A 190 0.04 17.63 -18.08
N LYS A 191 -0.28 17.88 -19.36
CA LYS A 191 0.53 18.79 -20.18
C LYS A 191 0.62 20.17 -19.55
N PHE A 192 -0.51 20.67 -19.07
CA PHE A 192 -0.50 21.95 -18.37
C PHE A 192 0.50 21.98 -17.20
N VAL A 193 0.41 21.04 -16.26
CA VAL A 193 1.29 21.15 -15.09
C VAL A 193 2.77 20.96 -15.45
N VAL A 194 3.05 20.02 -16.34
CA VAL A 194 4.41 19.79 -16.78
C VAL A 194 5.00 21.01 -17.49
N LYS A 195 4.18 21.73 -18.24
CA LYS A 195 4.64 22.99 -18.87
C LYS A 195 4.93 24.04 -17.82
N LYS A 196 4.01 24.20 -16.85
CA LYS A 196 4.19 25.11 -15.73
C LYS A 196 5.47 24.84 -14.95
N THR A 197 5.71 23.58 -14.60
CA THR A 197 6.77 23.27 -13.64
C THR A 197 8.07 22.79 -14.28
N GLY A 198 8.05 22.52 -15.58
CA GLY A 198 9.23 22.07 -16.28
C GLY A 198 9.58 20.60 -16.08
N GLY A 199 8.60 19.80 -15.69
CA GLY A 199 8.86 18.40 -15.41
C GLY A 199 8.96 17.49 -16.63
N GLU A 200 8.56 16.23 -16.42
CA GLU A 200 8.54 15.21 -17.46
C GLU A 200 7.15 14.62 -17.51
N LEU A 201 6.66 14.39 -18.72
CA LEU A 201 5.37 13.76 -18.93
C LEU A 201 5.58 12.32 -19.32
N HIS A 202 4.86 11.43 -18.66
CA HIS A 202 4.94 10.01 -18.97
C HIS A 202 3.53 9.53 -19.25
N ILE A 203 3.38 8.73 -20.29
CA ILE A 203 2.08 8.24 -20.71
C ILE A 203 2.15 6.73 -20.80
N ILE A 204 1.28 6.04 -20.07
CA ILE A 204 1.18 4.59 -20.21
C ILE A 204 -0.17 4.17 -20.79
N HIS A 205 -0.16 3.29 -21.77
CA HIS A 205 -1.41 2.69 -22.23
C HIS A 205 -1.31 1.17 -22.08
N VAL A 206 -2.30 0.58 -21.43
CA VAL A 206 -2.30 -0.85 -21.23
C VAL A 206 -3.22 -1.50 -22.25
N SER A 207 -2.74 -2.53 -22.92
CA SER A 207 -3.64 -3.45 -23.63
C SER A 207 -2.89 -4.59 -24.28
N GLU A 208 -3.47 -5.78 -24.15
CA GLU A 208 -2.98 -6.98 -24.84
C GLU A 208 -2.93 -6.71 -26.34
N ASP A 209 -4.07 -6.34 -26.90
CA ASP A 209 -4.11 -5.78 -28.25
C ASP A 209 -5.39 -4.98 -28.54
N GLY A 210 -5.76 -4.91 -29.81
CA GLY A 210 -6.53 -3.78 -30.28
C GLY A 210 -5.45 -2.73 -30.35
N ASP A 211 -4.50 -2.97 -31.26
CA ASP A 211 -3.22 -2.28 -31.26
C ASP A 211 -3.30 -0.80 -31.63
N LYS A 212 -2.88 0.04 -30.69
CA LYS A 212 -2.88 1.48 -30.89
C LYS A 212 -1.47 2.03 -30.66
N THR A 213 -0.50 1.11 -30.64
CA THR A 213 0.90 1.50 -30.45
C THR A 213 1.33 2.61 -31.41
N ALA A 214 1.07 2.40 -32.69
CA ALA A 214 1.48 3.35 -33.70
C ALA A 214 0.99 4.78 -33.36
N ASP A 215 -0.31 4.93 -33.07
CA ASP A 215 -0.85 6.24 -32.73
C ASP A 215 -0.20 6.84 -31.48
N LEU A 216 0.14 5.99 -30.52
CA LEU A 216 0.73 6.46 -29.27
C LEU A 216 2.14 6.96 -29.55
N ARG A 217 2.89 6.20 -30.33
CA ARG A 217 4.21 6.63 -30.73
C ARG A 217 4.17 7.97 -31.45
N VAL A 218 3.19 8.14 -32.34
CA VAL A 218 3.05 9.41 -33.06
C VAL A 218 2.83 10.56 -32.09
N GLU A 220 3.72 10.74 -28.90
CA GLU A 220 4.98 11.03 -28.23
C GLU A 220 5.72 12.09 -29.05
N GLU A 221 5.89 11.83 -30.34
CA GLU A 221 6.60 12.74 -31.23
C GLU A 221 5.95 14.13 -31.32
N VAL A 222 4.62 14.17 -31.43
CA VAL A 222 3.95 15.47 -31.58
C VAL A 222 4.12 16.29 -30.30
N ILE A 223 3.92 15.64 -29.16
CA ILE A 223 4.01 16.31 -27.87
C ILE A 223 5.44 16.81 -27.61
N GLY A 224 6.44 16.03 -28.01
CA GLY A 224 7.81 16.49 -27.98
C GLY A 224 7.96 17.80 -28.78
N ALA A 225 7.33 17.84 -29.94
CA ALA A 225 7.45 19.03 -30.80
C ALA A 225 6.77 20.21 -30.13
N GLU A 226 5.85 19.92 -29.21
CA GLU A 226 5.13 20.98 -28.51
C GLU A 226 5.95 21.51 -27.34
N GLY A 227 7.23 21.11 -27.29
CA GLY A 227 8.15 21.61 -26.30
C GLY A 227 8.06 20.95 -24.93
N ILE A 228 7.47 19.75 -24.88
CA ILE A 228 7.34 19.03 -23.62
C ILE A 228 8.17 17.76 -23.66
N GLU A 229 8.83 17.43 -22.54
CA GLU A 229 9.54 16.17 -22.46
C GLU A 229 8.58 15.03 -22.12
N VAL A 230 8.39 14.13 -23.08
CA VAL A 230 7.36 13.12 -22.95
C VAL A 230 7.93 11.74 -23.26
N HIS A 231 7.47 10.73 -22.51
CA HIS A 231 7.87 9.36 -22.79
C HIS A 231 6.64 8.49 -22.76
N VAL A 232 6.47 7.71 -23.82
CA VAL A 232 5.30 6.87 -23.96
C VAL A 232 5.61 5.42 -23.64
N HIS A 233 4.74 4.77 -22.88
CA HIS A 233 4.97 3.41 -22.42
C HIS A 233 3.81 2.51 -22.79
N ILE A 234 4.09 1.48 -23.59
CA ILE A 234 3.07 0.50 -23.94
C ILE A 234 3.27 -0.71 -23.05
N GLU A 235 2.18 -1.24 -22.51
CA GLU A 235 2.28 -2.29 -21.53
C GLU A 235 1.12 -3.25 -21.62
N SER A 236 1.36 -4.45 -21.13
CA SER A 236 0.41 -5.52 -21.20
C SER A 236 -0.03 -5.84 -19.77
N GLY A 237 -1.15 -6.54 -19.64
CA GLY A 237 -1.51 -7.10 -18.34
C GLY A 237 -2.67 -6.41 -17.68
N THR A 238 -2.87 -6.70 -16.41
CA THR A 238 -3.89 -6.03 -15.62
C THR A 238 -3.55 -4.55 -15.51
N PRO A 239 -4.49 -3.69 -15.92
CA PRO A 239 -4.25 -2.25 -15.93
C PRO A 239 -3.70 -1.68 -14.63
N HIS A 240 -4.34 -1.95 -13.50
CA HIS A 240 -3.85 -1.33 -12.28
C HIS A 240 -2.45 -1.80 -11.93
N LYS A 241 -2.10 -3.01 -12.36
CA LYS A 241 -0.78 -3.57 -12.08
C LYS A 241 0.27 -2.90 -12.92
N ALA A 242 -0.02 -2.78 -14.22
CA ALA A 242 0.93 -2.16 -15.14
C ALA A 242 1.16 -0.69 -14.80
N ILE A 243 0.09 0.00 -14.41
CA ILE A 243 0.18 1.40 -14.06
C ILE A 243 1.05 1.65 -12.82
N LEU A 244 0.82 0.88 -11.75
CA LEU A 244 1.60 1.03 -10.52
C LEU A 244 3.06 0.58 -10.72
N ALA A 245 3.24 -0.46 -11.53
CA ALA A 245 4.56 -0.94 -11.84
C ALA A 245 5.34 0.13 -12.59
N LYS A 246 4.67 0.83 -13.50
CA LYS A 246 5.33 1.87 -14.26
C LYS A 246 5.70 3.02 -13.35
N ARG A 247 4.75 3.41 -12.50
CA ARG A 247 4.99 4.52 -11.57
C ARG A 247 6.27 4.28 -10.79
N GLU A 248 6.47 3.05 -10.35
CA GLU A 248 7.66 2.67 -9.60
C GLU A 248 8.88 2.73 -10.51
N GLU A 249 8.72 2.24 -11.71
CA GLU A 249 9.84 2.06 -12.62
C GLU A 249 10.48 3.38 -13.03
N ILE A 250 9.68 4.43 -13.15
CA ILE A 250 10.16 5.74 -13.56
C ILE A 250 10.06 6.74 -12.41
N ASN A 251 9.70 6.26 -11.23
CA ASN A 251 9.45 7.15 -10.09
C ASN A 251 8.54 8.36 -10.35
N ALA A 252 7.39 8.14 -10.96
CA ALA A 252 6.43 9.20 -11.18
C ALA A 252 6.06 9.83 -9.84
N THR A 253 5.86 11.15 -9.84
CA THR A 253 5.47 11.86 -8.62
C THR A 253 3.94 12.00 -8.45
N THR A 254 3.18 11.75 -9.51
CA THR A 254 1.73 11.74 -9.40
C THR A 254 1.19 10.95 -10.57
N ILE A 255 -0.01 10.41 -10.43
CA ILE A 255 -0.65 9.69 -11.53
C ILE A 255 -1.93 10.43 -11.92
N PHE A 256 -2.08 10.72 -13.22
CA PHE A 256 -3.30 11.34 -13.71
C PHE A 256 -4.07 10.27 -14.47
N GLY A 258 -8.38 9.13 -16.14
CA GLY A 258 -9.76 9.49 -16.37
C GLY A 258 -10.71 8.43 -15.84
N SER A 259 -11.94 8.83 -15.56
CA SER A 259 -12.96 7.87 -15.15
C SER A 259 -14.34 8.31 -15.58
N ARG A 260 -15.07 7.41 -16.24
CA ARG A 260 -16.43 7.71 -16.67
C ARG A 260 -17.44 7.52 -15.53
N GLY A 261 -16.98 6.95 -14.42
CA GLY A 261 -17.86 6.72 -13.28
C GLY A 261 -19.06 5.86 -13.63
N ALA A 262 -18.82 4.78 -14.36
CA ALA A 262 -19.89 3.91 -14.82
C ALA A 262 -20.41 3.04 -13.68
N GLY A 263 -21.55 2.40 -13.91
CA GLY A 263 -22.16 1.54 -12.93
C GLY A 263 -22.41 2.23 -11.60
N SER A 264 -22.36 1.46 -10.53
CA SER A 264 -22.66 1.97 -9.22
C SER A 264 -21.35 2.15 -8.46
N VAL A 265 -21.44 2.86 -7.34
CA VAL A 265 -20.33 2.93 -6.40
C VAL A 265 -19.79 1.51 -6.12
N THR A 267 -19.90 -1.17 -7.87
CA THR A 267 -19.22 -1.70 -9.04
C THR A 267 -17.86 -1.04 -9.23
N ILE A 269 -15.96 0.18 -6.78
CA ILE A 269 -15.09 -0.33 -5.72
C ILE A 269 -14.58 -1.72 -6.04
N LEU A 270 -15.50 -2.57 -6.49
CA LEU A 270 -15.23 -3.97 -6.72
C LEU A 270 -14.24 -4.16 -7.85
N GLY A 271 -14.45 -3.46 -8.96
CA GLY A 271 -13.67 -3.75 -10.15
C GLY A 271 -13.06 -2.62 -10.95
N SER A 272 -13.11 -1.39 -10.45
CA SER A 272 -12.53 -0.31 -11.27
C SER A 272 -11.01 -0.29 -11.18
N THR A 273 -10.38 0.19 -12.25
CA THR A 273 -8.94 0.37 -12.30
C THR A 273 -8.51 1.47 -11.33
N SER A 274 -9.34 2.50 -11.21
CA SER A 274 -9.03 3.63 -10.37
C SER A 274 -9.03 3.28 -8.87
N GLU A 275 -9.94 2.44 -8.42
CA GLU A 275 -9.96 2.11 -7.01
C GLU A 275 -8.65 1.42 -6.61
N SER A 276 -8.24 0.44 -7.41
CA SER A 276 -6.98 -0.25 -7.15
C SER A 276 -5.76 0.68 -7.24
N VAL A 277 -5.68 1.47 -8.30
CA VAL A 277 -4.55 2.37 -8.47
C VAL A 277 -4.49 3.33 -7.29
N ILE A 278 -5.61 3.98 -7.01
CA ILE A 278 -5.66 4.96 -5.95
C ILE A 278 -5.29 4.34 -4.59
N ARG A 279 -5.74 3.12 -4.35
CA ARG A 279 -5.55 2.51 -3.04
C ARG A 279 -4.09 2.14 -2.77
N ARG A 280 -3.39 1.65 -3.80
CA ARG A 280 -2.04 1.13 -3.63
C ARG A 280 -0.97 2.13 -4.04
N SER A 281 -1.40 3.28 -4.55
CA SER A 281 -0.45 4.28 -4.99
C SER A 281 0.18 4.99 -3.81
N PRO A 282 1.51 5.14 -3.84
CA PRO A 282 2.31 5.85 -2.84
C PRO A 282 2.34 7.35 -3.14
N VAL A 283 1.75 7.77 -4.26
CA VAL A 283 1.72 9.20 -4.63
C VAL A 283 0.30 9.67 -4.93
N PRO A 284 0.09 10.99 -5.01
CA PRO A 284 -1.30 11.40 -5.16
C PRO A 284 -1.86 11.07 -6.55
N VAL A 285 -3.13 10.72 -6.61
CA VAL A 285 -3.78 10.37 -7.87
C VAL A 285 -4.88 11.39 -8.23
N PHE A 286 -4.74 11.98 -9.42
CA PHE A 286 -5.69 12.95 -9.95
C PHE A 286 -6.60 12.22 -10.94
N VAL A 287 -7.91 12.33 -10.74
CA VAL A 287 -8.88 11.62 -11.57
C VAL A 287 -9.85 12.58 -12.25
N CYS A 288 -9.79 12.61 -13.58
CA CYS A 288 -10.57 13.53 -14.39
C CYS A 288 -11.94 12.93 -14.63
N LYS A 289 -12.99 13.73 -14.47
CA LYS A 289 -14.35 13.18 -14.40
C LYS A 289 -15.25 13.54 -15.58
N ARG A 290 -14.72 14.28 -16.55
CA ARG A 290 -15.49 14.61 -17.74
C ARG A 290 -14.58 15.01 -18.88
N GLY A 291 -15.10 14.94 -20.11
CA GLY A 291 -14.36 15.35 -21.29
C GLY A 291 -14.49 16.85 -21.52
N ASP A 292 -13.68 17.37 -22.45
CA ASP A 292 -13.73 18.78 -22.83
C ASP A 292 -15.07 19.14 -23.41
N ASP A 293 -15.72 18.17 -24.07
CA ASP A 293 -16.99 18.45 -24.72
C ASP A 293 -18.13 17.67 -24.06
N GLU A 294 -18.17 17.76 -22.73
CA GLU A 294 -19.24 17.19 -21.92
C GLU A 294 -20.11 18.31 -21.35
N PHE B 20 3.46 -6.10 -2.67
CA PHE B 20 3.81 -7.30 -3.43
C PHE B 20 4.31 -6.94 -4.82
N GLN B 21 4.89 -5.75 -4.95
CA GLN B 21 5.16 -5.17 -6.25
C GLN B 21 6.41 -5.67 -6.98
N SER B 22 7.58 -5.43 -6.40
CA SER B 22 8.81 -5.90 -6.99
C SER B 22 8.92 -7.44 -6.88
N ASN B 23 8.22 -8.00 -5.88
CA ASN B 23 8.57 -9.30 -5.34
C ASN B 23 10.07 -9.55 -5.48
N ALA B 24 10.84 -8.57 -4.99
CA ALA B 24 12.23 -8.76 -4.62
C ALA B 24 12.23 -9.11 -3.15
N LEU B 26 14.45 -9.75 0.40
CA LEU B 26 15.70 -9.60 1.13
C LEU B 26 15.95 -10.83 2.01
N LEU B 27 17.14 -11.40 1.86
CA LEU B 27 17.56 -12.56 2.62
C LEU B 27 18.80 -12.21 3.45
N PRO B 28 18.60 -11.97 4.75
CA PRO B 28 19.74 -11.61 5.61
C PRO B 28 20.42 -12.88 6.06
N THR B 29 21.73 -12.98 5.88
CA THR B 29 22.43 -14.15 6.41
C THR B 29 23.72 -13.81 7.16
N ASP B 30 23.86 -14.41 8.34
CA ASP B 30 25.12 -14.38 9.09
C ASP B 30 25.93 -15.63 8.76
N LEU B 31 25.58 -16.28 7.64
CA LEU B 31 26.26 -17.48 7.19
C LEU B 31 25.92 -18.73 8.04
N SER B 32 24.94 -18.60 8.94
CA SER B 32 24.57 -19.70 9.82
C SER B 32 23.61 -20.64 9.12
N GLU B 33 23.53 -21.85 9.67
CA GLU B 33 22.59 -22.87 9.21
C GLU B 33 21.16 -22.32 9.30
N ASN B 34 20.84 -21.71 10.43
CA ASN B 34 19.52 -21.13 10.63
C ASN B 34 19.19 -20.19 9.50
N SER B 35 20.15 -19.36 9.14
CA SER B 35 19.88 -18.32 8.15
C SER B 35 19.63 -18.97 6.78
N PHE B 36 20.18 -20.16 6.58
CA PHE B 36 20.03 -20.86 5.29
C PHE B 36 18.73 -21.66 5.17
N LYS B 37 17.98 -21.79 6.27
CA LYS B 37 16.67 -22.45 6.22
C LYS B 37 15.81 -21.89 5.07
N VAL B 38 15.91 -20.58 4.83
CA VAL B 38 15.10 -19.90 3.81
C VAL B 38 15.36 -20.47 2.42
N LEU B 39 16.59 -20.87 2.14
CA LEU B 39 16.96 -21.35 0.81
C LEU B 39 16.25 -22.66 0.48
N GLU B 40 15.79 -23.35 1.52
CA GLU B 40 15.02 -24.58 1.33
C GLU B 40 13.68 -24.37 0.65
N TYR B 41 13.18 -23.13 0.64
CA TYR B 41 11.88 -22.82 0.05
C TYR B 41 12.01 -22.07 -1.27
N LEU B 42 13.17 -22.16 -1.90
CA LEU B 42 13.38 -21.43 -3.15
C LEU B 42 12.33 -21.83 -4.18
N GLY B 43 11.98 -23.12 -4.21
CA GLY B 43 10.95 -23.59 -5.12
C GLY B 43 9.66 -22.82 -4.94
N ASP B 44 9.25 -22.68 -3.67
CA ASP B 44 8.01 -22.00 -3.35
C ASP B 44 8.05 -20.53 -3.71
N PHE B 45 9.22 -19.91 -3.55
CA PHE B 45 9.37 -18.49 -3.83
C PHE B 45 9.35 -18.21 -5.32
N LYS B 46 9.98 -19.11 -6.07
CA LYS B 46 9.90 -19.08 -7.52
C LYS B 46 8.43 -19.06 -7.95
N LYS B 47 7.67 -20.05 -7.47
CA LYS B 47 6.27 -20.20 -7.83
C LYS B 47 5.42 -18.97 -7.53
N VAL B 48 5.78 -18.23 -6.49
CA VAL B 48 4.91 -17.13 -6.06
C VAL B 48 5.31 -15.81 -6.70
N GLY B 49 6.39 -15.83 -7.48
CA GLY B 49 6.75 -14.69 -8.30
C GLY B 49 7.95 -13.87 -7.83
N VAL B 50 8.72 -14.42 -6.91
CA VAL B 50 9.95 -13.75 -6.49
C VAL B 50 10.95 -13.85 -7.63
N GLU B 51 11.41 -12.71 -8.12
CA GLU B 51 12.31 -12.70 -9.27
C GLU B 51 13.76 -12.43 -8.88
N GLU B 52 13.97 -11.68 -7.80
CA GLU B 52 15.31 -11.38 -7.32
C GLU B 52 15.38 -11.55 -5.82
N ILE B 53 16.47 -12.14 -5.35
CA ILE B 53 16.75 -12.16 -3.93
C ILE B 53 18.07 -11.46 -3.69
N GLY B 54 18.07 -10.45 -2.82
CA GLY B 54 19.31 -9.85 -2.40
C GLY B 54 19.83 -10.56 -1.15
N VAL B 55 21.08 -11.03 -1.19
CA VAL B 55 21.63 -11.71 -0.04
C VAL B 55 22.43 -10.70 0.76
N LEU B 56 22.06 -10.52 2.03
CA LEU B 56 22.69 -9.48 2.81
C LEU B 56 23.47 -10.03 3.99
N PHE B 57 24.78 -9.79 3.96
CA PHE B 57 25.61 -10.15 5.09
C PHE B 57 26.07 -8.90 5.79
N VAL B 58 25.80 -8.81 7.08
CA VAL B 58 26.26 -7.67 7.88
C VAL B 58 27.47 -8.06 8.71
N ILE B 59 28.53 -7.27 8.63
CA ILE B 59 29.67 -7.47 9.50
C ILE B 59 29.29 -6.96 10.89
N ASN B 60 29.08 -7.87 11.81
CA ASN B 60 28.47 -7.52 13.08
C ASN B 60 29.51 -6.99 14.06
N LEU B 61 29.50 -5.68 14.27
CA LEU B 61 30.47 -5.03 15.13
C LEU B 61 30.10 -5.15 16.61
N THR B 62 29.51 -6.28 16.98
CA THR B 62 29.21 -6.55 18.38
C THR B 62 29.40 -8.04 18.70
N LYS B 63 30.56 -8.57 18.34
CA LYS B 63 30.96 -9.94 18.72
C LYS B 63 32.37 -10.37 18.30
N LEU B 64 33.00 -11.20 19.12
CA LEU B 64 34.45 -11.43 19.11
C LEU B 64 34.96 -12.64 18.30
N SER B 65 36.28 -12.63 18.09
CA SER B 65 37.02 -13.72 17.46
C SER B 65 38.43 -13.26 17.14
N ASP B 72 41.81 -4.81 15.95
CA ASP B 72 41.85 -3.82 14.86
C ASP B 72 40.57 -3.82 14.05
N ILE B 73 39.84 -2.71 14.09
CA ILE B 73 38.53 -2.62 13.48
C ILE B 73 38.53 -2.91 11.98
N ASP B 74 39.58 -2.46 11.29
CA ASP B 74 39.68 -2.67 9.85
C ASP B 74 40.09 -4.10 9.52
N HIS B 75 40.93 -4.69 10.35
CA HIS B 75 41.35 -6.06 10.10
C HIS B 75 40.16 -6.99 10.28
N TYR B 76 39.36 -6.73 11.30
CA TYR B 76 38.15 -7.51 11.54
C TYR B 76 37.22 -7.52 10.32
N ILE B 77 37.01 -6.33 9.75
CA ILE B 77 36.10 -6.16 8.63
C ILE B 77 36.49 -7.00 7.41
N ASP B 78 37.78 -7.19 7.20
CA ASP B 78 38.24 -7.90 6.03
C ASP B 78 38.34 -9.38 6.30
N GLU B 79 38.65 -9.73 7.54
CA GLU B 79 38.63 -11.13 7.94
C GLU B 79 37.21 -11.68 7.85
N SER B 81 34.77 -10.16 5.86
CA SER B 81 34.49 -10.13 4.43
C SER B 81 35.09 -11.34 3.74
N GLU B 82 36.35 -11.63 4.05
CA GLU B 82 37.01 -12.82 3.53
C GLU B 82 36.16 -14.05 3.78
N LYS B 83 35.73 -14.21 5.04
CA LYS B 83 34.91 -15.35 5.43
C LYS B 83 33.63 -15.44 4.58
N ALA B 84 32.91 -14.33 4.48
CA ALA B 84 31.65 -14.29 3.76
C ALA B 84 31.82 -14.68 2.30
N GLU B 85 32.87 -14.14 1.69
CA GLU B 85 33.12 -14.35 0.26
C GLU B 85 33.49 -15.80 -0.07
N GLU B 86 33.83 -16.57 0.95
CA GLU B 86 34.09 -17.99 0.74
C GLU B 86 32.78 -18.77 0.62
N VAL B 87 31.67 -18.16 1.04
CA VAL B 87 30.40 -18.88 1.19
C VAL B 87 29.25 -18.31 0.37
N LEU B 88 29.20 -16.99 0.27
CA LEU B 88 28.07 -16.30 -0.37
C LEU B 88 27.91 -16.60 -1.86
N PRO B 89 29.03 -16.75 -2.58
CA PRO B 89 28.87 -16.99 -4.02
C PRO B 89 28.10 -18.28 -4.28
N GLU B 90 28.27 -19.27 -3.42
CA GLU B 90 27.55 -20.52 -3.63
C GLU B 90 26.13 -20.46 -3.05
N VAL B 91 25.89 -19.54 -2.13
CA VAL B 91 24.52 -19.18 -1.78
C VAL B 91 23.89 -18.60 -3.03
N ALA B 92 24.62 -17.72 -3.72
CA ALA B 92 24.13 -17.11 -4.95
C ALA B 92 23.90 -18.19 -6.00
N GLN B 93 24.80 -19.18 -6.01
CA GLN B 93 24.72 -20.32 -6.93
C GLN B 93 23.44 -21.12 -6.72
N LYS B 94 23.16 -21.48 -5.47
CA LYS B 94 21.97 -22.25 -5.17
C LYS B 94 20.71 -21.50 -5.61
N ILE B 95 20.64 -20.20 -5.32
CA ILE B 95 19.51 -19.36 -5.73
C ILE B 95 19.33 -19.33 -7.24
N GLU B 96 20.43 -19.10 -7.95
CA GLU B 96 20.39 -19.02 -9.40
C GLU B 96 19.84 -20.34 -9.97
N ALA B 97 20.30 -21.45 -9.39
CA ALA B 97 19.92 -22.78 -9.86
C ALA B 97 18.42 -23.00 -9.79
N ALA B 98 17.78 -22.36 -8.81
CA ALA B 98 16.32 -22.40 -8.69
C ALA B 98 15.64 -21.42 -9.64
N GLY B 99 16.41 -20.85 -10.57
CA GLY B 99 15.87 -19.95 -11.57
C GLY B 99 15.46 -18.60 -11.00
N ILE B 100 16.13 -18.16 -9.95
CA ILE B 100 15.89 -16.83 -9.41
C ILE B 100 17.17 -16.03 -9.47
N LYS B 101 17.05 -14.72 -9.72
CA LYS B 101 18.21 -13.84 -9.79
C LYS B 101 18.73 -13.50 -8.40
N ALA B 102 20.02 -13.71 -8.20
CA ALA B 102 20.62 -13.50 -6.90
C ALA B 102 21.56 -12.30 -6.93
N GLU B 103 21.54 -11.49 -5.87
CA GLU B 103 22.42 -10.33 -5.82
C GLU B 103 23.06 -10.18 -4.44
N VAL B 104 24.31 -10.59 -4.31
CA VAL B 104 25.03 -10.41 -3.05
C VAL B 104 25.30 -8.94 -2.81
N ILE B 105 24.61 -8.38 -1.82
CA ILE B 105 24.67 -6.95 -1.56
C ILE B 105 26.07 -6.56 -1.07
N LYS B 106 26.67 -5.64 -1.80
CA LYS B 106 28.03 -5.18 -1.53
C LYS B 106 28.08 -3.66 -1.62
N PRO B 107 28.96 -3.05 -0.81
CA PRO B 107 29.84 -3.79 0.11
C PRO B 107 29.06 -4.22 1.34
N PHE B 108 29.57 -5.23 2.05
CA PHE B 108 28.94 -5.66 3.29
C PHE B 108 28.85 -4.49 4.25
N PRO B 109 27.64 -4.14 4.69
CA PRO B 109 27.56 -3.09 5.71
C PRO B 109 28.23 -3.59 6.99
N ALA B 110 28.78 -2.69 7.78
CA ALA B 110 29.37 -3.05 9.06
C ALA B 110 28.70 -2.25 10.18
N GLY B 111 28.29 -2.93 11.24
CA GLY B 111 27.55 -2.28 12.30
C GLY B 111 26.55 -3.19 13.01
N ASP B 112 25.35 -2.68 13.24
CA ASP B 112 24.30 -3.44 13.91
C ASP B 112 23.43 -4.15 12.86
N PRO B 113 23.36 -5.48 12.93
CA PRO B 113 22.65 -6.24 11.89
C PRO B 113 21.20 -5.79 11.77
N VAL B 114 20.55 -5.64 12.90
CA VAL B 114 19.15 -5.23 12.85
C VAL B 114 19.02 -3.93 12.08
N VAL B 115 19.81 -2.92 12.45
CA VAL B 115 19.77 -1.65 11.75
C VAL B 115 20.06 -1.79 10.26
N GLU B 116 21.13 -2.50 9.93
CA GLU B 116 21.54 -2.62 8.53
C GLU B 116 20.52 -3.42 7.72
N ILE B 117 19.94 -4.44 8.34
CA ILE B 117 18.92 -5.23 7.67
C ILE B 117 17.71 -4.36 7.32
N ILE B 118 17.16 -3.67 8.31
CA ILE B 118 16.05 -2.77 8.08
C ILE B 118 16.40 -1.77 6.98
N LYS B 119 17.57 -1.15 7.11
CA LYS B 119 18.03 -0.19 6.13
C LYS B 119 17.97 -0.77 4.73
N ALA B 120 18.62 -1.91 4.51
CA ALA B 120 18.64 -2.49 3.17
C ALA B 120 17.26 -2.92 2.70
N SER B 121 16.36 -3.21 3.63
CA SER B 121 15.06 -3.80 3.28
C SER B 121 14.15 -2.84 2.51
N GLU B 122 14.43 -1.54 2.61
CA GLU B 122 13.66 -0.50 1.93
C GLU B 122 13.60 -0.73 0.43
N ASN B 123 14.51 -1.55 -0.08
CA ASN B 123 14.56 -1.82 -1.51
C ASN B 123 13.91 -3.12 -1.93
N TYR B 124 13.24 -3.78 -0.98
CA TYR B 124 12.66 -5.07 -1.26
C TYR B 124 11.19 -5.13 -0.89
N SER B 125 10.46 -6.11 -1.42
CA SER B 125 9.06 -6.32 -1.10
C SER B 125 8.88 -6.84 0.31
N PHE B 126 9.78 -7.75 0.73
CA PHE B 126 9.73 -8.32 2.08
C PHE B 126 11.06 -8.94 2.53
N ILE B 127 11.16 -9.18 3.83
CA ILE B 127 12.30 -9.86 4.41
C ILE B 127 11.93 -11.30 4.68
N ALA B 128 12.76 -12.24 4.25
CA ALA B 128 12.57 -13.64 4.64
C ALA B 128 13.77 -14.05 5.48
N GLY B 130 15.71 -16.88 8.37
CA GLY B 130 15.77 -18.16 9.04
C GLY B 130 16.09 -17.89 10.49
N SER B 131 15.22 -18.36 11.38
CA SER B 131 15.45 -18.17 12.81
C SER B 131 15.78 -19.52 13.45
N ARG B 132 16.11 -19.52 14.76
CA ARG B 132 16.29 -20.79 15.46
C ARG B 132 15.04 -21.67 15.41
N GLY B 133 15.23 -22.98 15.53
CA GLY B 133 14.13 -23.91 15.36
C GLY B 133 14.11 -25.10 16.30
N ALA B 134 15.11 -25.96 16.18
CA ALA B 134 15.05 -27.29 16.80
C ALA B 134 14.26 -28.24 15.91
N SER B 135 14.11 -29.48 16.36
CA SER B 135 13.41 -30.49 15.59
C SER B 135 12.31 -31.12 16.43
N LYS B 136 12.32 -30.80 17.72
CA LYS B 136 11.27 -31.26 18.62
C LYS B 136 10.06 -30.34 18.49
N PHE B 137 10.13 -29.40 17.55
CA PHE B 137 9.00 -28.54 17.23
C PHE B 137 8.33 -27.98 18.49
N LYS B 138 9.07 -27.18 19.25
CA LYS B 138 8.53 -26.57 20.44
C LYS B 138 8.59 -25.03 20.35
N LYS B 139 8.05 -24.35 21.36
CA LYS B 139 8.08 -22.89 21.38
C LYS B 139 9.51 -22.39 21.54
N ILE B 140 9.97 -21.59 20.59
CA ILE B 140 11.38 -21.24 20.55
C ILE B 140 11.68 -19.90 21.23
N LEU B 141 12.93 -19.72 21.62
CA LEU B 141 13.39 -18.43 22.10
C LEU B 141 14.07 -17.69 20.96
N LEU B 142 13.42 -16.64 20.49
CA LEU B 142 13.93 -15.83 19.40
C LEU B 142 15.17 -15.05 19.84
N GLY B 143 16.19 -14.98 18.99
CA GLY B 143 17.37 -14.18 19.29
C GLY B 143 17.17 -12.69 19.08
N SER B 144 18.21 -11.91 19.42
CA SER B 144 18.13 -10.45 19.32
C SER B 144 17.96 -9.96 17.87
N VAL B 145 18.48 -10.68 16.90
CA VAL B 145 18.32 -10.19 15.53
C VAL B 145 16.90 -10.42 15.02
N SER B 146 16.34 -11.58 15.30
CA SER B 146 14.96 -11.83 14.90
C SER B 146 14.02 -10.89 15.67
N GLU B 147 14.26 -10.73 16.96
CA GLU B 147 13.43 -9.84 17.78
C GLU B 147 13.47 -8.44 17.20
N GLY B 148 14.68 -7.96 16.96
CA GLY B 148 14.84 -6.63 16.42
C GLY B 148 14.15 -6.46 15.09
N VAL B 149 14.42 -7.36 14.15
CA VAL B 149 13.85 -7.21 12.82
C VAL B 149 12.32 -7.26 12.89
N LEU B 150 11.79 -8.09 13.79
CA LEU B 150 10.35 -8.26 13.92
C LEU B 150 9.68 -7.01 14.48
N HIS B 151 10.30 -6.39 15.46
CA HIS B 151 9.78 -5.15 16.01
C HIS B 151 9.89 -3.98 15.03
N ASP B 152 11.03 -3.85 14.36
CA ASP B 152 11.34 -2.61 13.65
C ASP B 152 11.17 -2.62 12.13
N SER B 153 11.00 -3.77 11.51
CA SER B 153 10.92 -3.76 10.05
C SER B 153 9.70 -2.96 9.63
N LYS B 154 9.78 -2.25 8.51
CA LYS B 154 8.59 -1.66 7.94
C LYS B 154 8.02 -2.62 6.89
N VAL B 155 8.88 -3.38 6.24
CA VAL B 155 8.39 -4.37 5.29
C VAL B 155 7.94 -5.65 6.02
N PRO B 156 7.09 -6.43 5.37
CA PRO B 156 6.71 -7.74 5.90
C PRO B 156 7.94 -8.57 6.23
N VAL B 157 7.82 -9.36 7.29
CA VAL B 157 8.90 -10.24 7.69
C VAL B 157 8.38 -11.67 7.64
N TYR B 158 9.01 -12.53 6.87
CA TYR B 158 8.59 -13.92 6.75
C TYR B 158 9.56 -14.78 7.59
N ILE B 159 9.09 -15.30 8.72
CA ILE B 159 9.95 -16.07 9.62
C ILE B 159 9.92 -17.56 9.31
N PHE B 160 11.09 -18.12 9.00
CA PHE B 160 11.24 -19.55 8.76
C PHE B 160 12.06 -20.21 9.86
N LYS B 161 11.47 -21.21 10.52
CA LYS B 161 12.11 -21.94 11.62
C LYS B 161 12.34 -23.42 11.28
N HIS B 162 11.49 -23.97 10.42
CA HIS B 162 11.57 -25.39 10.06
C HIS B 162 11.34 -25.57 8.57
N ASP B 163 11.60 -26.78 8.08
CA ASP B 163 11.44 -27.07 6.66
C ASP B 163 10.31 -28.07 6.41
N VAL B 165 7.27 -27.78 5.41
CA VAL B 165 6.35 -27.56 4.30
C VAL B 165 7.01 -27.10 3.00
N VAL B 166 8.28 -27.42 2.78
CA VAL B 166 8.88 -27.06 1.51
C VAL B 166 8.09 -27.70 0.35
N ASN B 167 7.89 -26.93 -0.72
CA ASN B 167 7.13 -27.35 -1.89
C ASN B 167 5.62 -27.39 -1.66
N SER B 168 5.18 -26.95 -0.49
CA SER B 168 3.75 -26.90 -0.20
C SER B 168 3.41 -25.59 0.46
N LEU B 169 4.41 -24.69 0.51
CA LEU B 169 4.33 -23.49 1.33
C LEU B 169 3.02 -22.71 1.19
N PHE B 170 2.54 -22.50 -0.03
CA PHE B 170 1.35 -21.65 -0.21
C PHE B 170 0.08 -22.46 -0.52
N ASP B 171 0.09 -23.75 -0.17
CA ASP B 171 -1.03 -24.62 -0.52
C ASP B 171 -2.25 -24.28 0.32
N ARG B 172 -2.05 -24.10 1.61
CA ARG B 172 -3.15 -23.73 2.49
C ARG B 172 -2.74 -22.58 3.38
N VAL B 173 -3.09 -21.37 2.94
CA VAL B 173 -2.75 -20.16 3.64
C VAL B 173 -3.77 -19.82 4.72
N LEU B 174 -3.32 -19.69 5.96
CA LEU B 174 -4.22 -19.33 7.06
C LEU B 174 -3.95 -17.90 7.50
N VAL B 175 -4.97 -17.05 7.34
CA VAL B 175 -4.89 -15.69 7.80
C VAL B 175 -5.56 -15.53 9.16
N ALA B 176 -4.80 -15.05 10.13
CA ALA B 176 -5.37 -14.64 11.41
C ALA B 176 -5.97 -13.25 11.21
N TYR B 177 -7.29 -13.15 11.34
CA TYR B 177 -7.98 -11.89 11.02
C TYR B 177 -8.80 -11.33 12.17
N ASP B 178 -8.54 -10.08 12.55
CA ASP B 178 -9.21 -9.44 13.70
C ASP B 178 -9.79 -8.07 13.31
N PHE B 179 -10.04 -7.87 12.03
CA PHE B 179 -10.66 -6.63 11.51
C PHE B 179 -9.82 -5.38 11.66
N SER B 180 -8.59 -5.56 12.16
CA SER B 180 -7.66 -4.43 12.25
C SER B 180 -7.17 -4.09 10.85
N LYS B 181 -6.65 -2.88 10.69
CA LYS B 181 -6.06 -2.47 9.43
C LYS B 181 -4.83 -3.29 9.06
N TRP B 182 -4.08 -3.79 10.05
CA TRP B 182 -2.91 -4.62 9.71
C TRP B 182 -3.33 -6.02 9.29
N ALA B 183 -4.40 -6.52 9.89
CA ALA B 183 -4.94 -7.81 9.46
C ALA B 183 -5.43 -7.68 8.01
N ASP B 184 -6.12 -6.57 7.69
CA ASP B 184 -6.53 -6.29 6.31
C ASP B 184 -5.34 -6.40 5.37
N ARG B 185 -4.21 -5.85 5.78
CA ARG B 185 -3.02 -5.85 4.93
C ARG B 185 -2.48 -7.28 4.71
N ALA B 186 -2.43 -8.06 5.79
CA ALA B 186 -1.96 -9.45 5.69
C ALA B 186 -2.92 -10.22 4.79
N LEU B 187 -4.21 -9.91 4.91
CA LEU B 187 -5.21 -10.55 4.06
C LEU B 187 -4.96 -10.22 2.58
N GLU B 188 -4.61 -8.98 2.26
CA GLU B 188 -4.26 -8.59 0.89
C GLU B 188 -3.12 -9.44 0.33
N TYR B 189 -2.06 -9.62 1.13
CA TYR B 189 -0.94 -10.48 0.73
C TYR B 189 -1.37 -11.93 0.54
N ALA B 190 -2.20 -12.46 1.44
CA ALA B 190 -2.64 -13.85 1.30
C ALA B 190 -3.43 -14.03 0.01
N LYS B 191 -4.33 -13.10 -0.27
CA LYS B 191 -5.08 -13.14 -1.53
C LYS B 191 -4.13 -13.21 -2.70
N PHE B 192 -3.10 -12.37 -2.65
CA PHE B 192 -2.16 -12.32 -3.75
C PHE B 192 -1.46 -13.66 -3.90
N VAL B 193 -0.95 -14.22 -2.79
CA VAL B 193 -0.17 -15.44 -2.94
C VAL B 193 -1.08 -16.56 -3.42
N VAL B 194 -2.32 -16.56 -2.95
CA VAL B 194 -3.26 -17.61 -3.34
C VAL B 194 -3.61 -17.56 -4.84
N LYS B 195 -3.80 -16.36 -5.38
CA LYS B 195 -4.06 -16.23 -6.81
C LYS B 195 -2.88 -16.67 -7.65
N LYS B 196 -1.66 -16.32 -7.22
CA LYS B 196 -0.47 -16.74 -7.94
C LYS B 196 -0.32 -18.26 -7.96
N THR B 197 -0.44 -18.91 -6.81
CA THR B 197 -0.06 -20.32 -6.67
C THR B 197 -1.22 -21.33 -6.79
N GLY B 198 -2.46 -20.87 -6.71
CA GLY B 198 -3.59 -21.79 -6.76
C GLY B 198 -3.89 -22.46 -5.43
N GLY B 199 -3.32 -21.94 -4.34
CA GLY B 199 -3.59 -22.52 -3.02
C GLY B 199 -4.99 -22.21 -2.52
N GLU B 200 -5.30 -22.63 -1.29
CA GLU B 200 -6.58 -22.32 -0.64
C GLU B 200 -6.42 -21.17 0.35
N LEU B 201 -7.38 -20.25 0.35
CA LEU B 201 -7.38 -19.16 1.32
C LEU B 201 -8.30 -19.48 2.50
N HIS B 202 -7.70 -19.63 3.69
CA HIS B 202 -8.45 -19.81 4.91
C HIS B 202 -8.31 -18.60 5.81
N ILE B 203 -9.41 -18.26 6.48
CA ILE B 203 -9.41 -17.16 7.44
C ILE B 203 -9.91 -17.65 8.79
N ILE B 204 -9.25 -17.24 9.85
CA ILE B 204 -9.75 -17.56 11.18
C ILE B 204 -9.95 -16.29 11.96
N HIS B 205 -11.14 -16.18 12.56
CA HIS B 205 -11.44 -15.09 13.47
C HIS B 205 -11.77 -15.65 14.86
N VAL B 206 -11.10 -15.13 15.87
CA VAL B 206 -11.28 -15.61 17.23
C VAL B 206 -12.06 -14.58 18.04
N SER B 207 -13.15 -15.00 18.67
CA SER B 207 -13.98 -14.11 19.48
C SER B 207 -14.89 -14.94 20.34
N GLU B 208 -15.29 -14.37 21.48
CA GLU B 208 -16.19 -15.04 22.42
C GLU B 208 -17.59 -15.30 21.87
N ASP B 209 -18.23 -14.25 21.34
CA ASP B 209 -19.68 -14.25 21.12
C ASP B 209 -20.19 -14.43 19.68
N GLY B 210 -19.31 -14.41 18.70
CA GLY B 210 -19.74 -14.39 17.31
C GLY B 210 -20.22 -12.99 16.98
N ASP B 211 -19.40 -12.03 17.38
CA ASP B 211 -19.75 -10.63 17.30
C ASP B 211 -19.72 -10.17 15.85
N LYS B 212 -18.79 -10.74 15.09
CA LYS B 212 -18.50 -10.22 13.76
C LYS B 212 -18.89 -11.19 12.64
N THR B 213 -19.73 -12.17 12.97
CA THR B 213 -20.12 -13.21 12.03
C THR B 213 -20.76 -12.68 10.75
N ALA B 214 -21.72 -11.78 10.87
CA ALA B 214 -22.35 -11.22 9.67
C ALA B 214 -21.32 -10.45 8.82
N ASP B 215 -20.48 -9.63 9.46
CA ASP B 215 -19.42 -8.93 8.72
C ASP B 215 -18.47 -9.93 8.04
N LEU B 216 -18.21 -11.07 8.67
CA LEU B 216 -17.41 -12.09 8.01
C LEU B 216 -18.13 -12.62 6.76
N ARG B 217 -19.46 -12.76 6.79
CA ARG B 217 -20.15 -13.26 5.62
C ARG B 217 -20.07 -12.24 4.49
N VAL B 218 -20.02 -10.95 4.82
CA VAL B 218 -19.86 -9.92 3.79
C VAL B 218 -18.47 -10.03 3.16
N GLU B 220 -16.57 -12.69 2.98
CA GLU B 220 -16.63 -13.89 2.18
C GLU B 220 -17.28 -13.62 0.81
N GLU B 221 -18.36 -12.87 0.82
CA GLU B 221 -19.06 -12.55 -0.42
C GLU B 221 -18.19 -11.65 -1.31
N VAL B 222 -17.57 -10.64 -0.69
CA VAL B 222 -16.76 -9.68 -1.43
C VAL B 222 -15.56 -10.38 -2.07
N ILE B 223 -14.90 -11.21 -1.28
CA ILE B 223 -13.71 -11.88 -1.77
C ILE B 223 -14.12 -12.92 -2.81
N GLY B 224 -15.28 -13.55 -2.60
CA GLY B 224 -15.89 -14.35 -3.64
C GLY B 224 -16.08 -13.57 -4.94
N ALA B 225 -16.61 -12.36 -4.82
CA ALA B 225 -16.83 -11.53 -6.01
C ALA B 225 -15.51 -11.15 -6.69
N GLU B 226 -14.43 -11.07 -5.93
CA GLU B 226 -13.11 -10.74 -6.48
C GLU B 226 -12.43 -11.97 -7.05
N GLY B 227 -13.11 -13.12 -7.02
CA GLY B 227 -12.60 -14.32 -7.67
C GLY B 227 -11.94 -15.36 -6.79
N ILE B 228 -12.01 -15.19 -5.48
CA ILE B 228 -11.34 -16.15 -4.62
C ILE B 228 -12.32 -16.82 -3.68
N GLU B 229 -12.22 -18.13 -3.55
CA GLU B 229 -13.01 -18.83 -2.54
C GLU B 229 -12.30 -18.70 -1.21
N VAL B 230 -13.03 -18.23 -0.21
CA VAL B 230 -12.44 -18.02 1.09
C VAL B 230 -13.14 -18.97 2.06
N HIS B 231 -12.33 -19.73 2.80
CA HIS B 231 -12.82 -20.63 3.84
C HIS B 231 -12.79 -19.86 5.16
N VAL B 232 -13.96 -19.62 5.73
CA VAL B 232 -14.03 -18.85 6.97
C VAL B 232 -14.19 -19.75 8.19
N HIS B 233 -13.38 -19.47 9.21
CA HIS B 233 -13.44 -20.23 10.43
C HIS B 233 -13.64 -19.30 11.60
N ILE B 234 -14.69 -19.54 12.37
CA ILE B 234 -14.96 -18.74 13.56
C ILE B 234 -14.78 -19.58 14.83
N GLU B 235 -13.86 -19.17 15.68
CA GLU B 235 -13.52 -19.96 16.84
C GLU B 235 -13.53 -19.16 18.12
N SER B 236 -13.40 -19.87 19.23
CA SER B 236 -13.40 -19.28 20.54
C SER B 236 -12.11 -19.60 21.24
N GLY B 237 -11.80 -18.82 22.27
CA GLY B 237 -10.67 -19.17 23.11
C GLY B 237 -9.54 -18.17 23.04
N THR B 238 -8.37 -18.58 23.49
CA THR B 238 -7.21 -17.73 23.47
C THR B 238 -6.73 -17.70 22.02
N PRO B 239 -6.66 -16.49 21.43
CA PRO B 239 -6.39 -16.37 20.00
C PRO B 239 -5.18 -17.17 19.54
N HIS B 240 -4.03 -17.08 20.21
CA HIS B 240 -2.89 -17.87 19.75
C HIS B 240 -3.14 -19.37 19.80
N LYS B 241 -3.85 -19.83 20.82
CA LYS B 241 -4.21 -21.25 20.94
C LYS B 241 -5.12 -21.64 19.79
N ALA B 242 -6.19 -20.87 19.62
CA ALA B 242 -7.17 -21.14 18.56
C ALA B 242 -6.52 -21.09 17.17
N ILE B 243 -5.70 -20.07 16.90
CA ILE B 243 -5.01 -20.00 15.62
C ILE B 243 -4.13 -21.24 15.37
N LEU B 244 -3.36 -21.66 16.37
CA LEU B 244 -2.49 -22.82 16.18
C LEU B 244 -3.27 -24.15 16.09
N ALA B 245 -4.34 -24.28 16.87
CA ALA B 245 -5.14 -25.49 16.80
C ALA B 245 -5.84 -25.60 15.44
N LYS B 246 -6.31 -24.47 14.93
CA LYS B 246 -6.97 -24.50 13.63
C LYS B 246 -5.98 -24.87 12.51
N ARG B 247 -4.76 -24.33 12.56
CA ARG B 247 -3.84 -24.62 11.47
C ARG B 247 -3.37 -26.08 11.45
N GLU B 248 -3.32 -26.70 12.61
CA GLU B 248 -3.07 -28.12 12.71
C GLU B 248 -4.29 -28.90 12.18
N GLU B 249 -5.48 -28.40 12.53
CA GLU B 249 -6.70 -29.09 12.13
C GLU B 249 -6.86 -29.17 10.60
N ILE B 250 -6.54 -28.09 9.90
CA ILE B 250 -6.66 -28.08 8.45
C ILE B 250 -5.31 -28.29 7.77
N ASN B 251 -4.28 -28.54 8.56
CA ASN B 251 -2.92 -28.62 8.03
C ASN B 251 -2.50 -27.42 7.18
N ALA B 252 -2.81 -26.22 7.63
CA ALA B 252 -2.37 -25.01 6.92
C ALA B 252 -0.86 -25.06 6.75
N THR B 253 -0.38 -24.49 5.65
CA THR B 253 1.04 -24.60 5.33
C THR B 253 1.80 -23.32 5.66
N THR B 254 1.05 -22.26 5.94
CA THR B 254 1.64 -21.01 6.34
C THR B 254 0.60 -20.13 7.06
N ILE B 255 1.07 -19.26 7.95
CA ILE B 255 0.17 -18.36 8.65
C ILE B 255 0.55 -16.93 8.33
N PHE B 256 -0.42 -16.16 7.83
CA PHE B 256 -0.22 -14.75 7.58
C PHE B 256 -0.93 -13.97 8.67
N GLY B 258 -0.99 -9.76 10.75
CA GLY B 258 -0.48 -8.40 10.77
C GLY B 258 0.07 -8.02 12.14
N SER B 259 0.66 -6.83 12.23
CA SER B 259 0.99 -6.27 13.54
C SER B 259 1.07 -4.76 13.47
N ARG B 260 1.00 -4.13 14.64
CA ARG B 260 1.11 -2.69 14.74
C ARG B 260 2.42 -2.15 14.16
N GLY B 261 2.58 -0.83 14.23
CA GLY B 261 3.64 -0.12 13.53
C GLY B 261 5.07 -0.51 13.85
N ALA B 262 5.92 -0.36 12.84
CA ALA B 262 7.35 -0.51 13.00
C ALA B 262 7.82 0.35 14.17
N GLY B 263 8.43 -0.31 15.16
CA GLY B 263 9.06 0.39 16.27
C GLY B 263 8.15 0.66 17.44
N SER B 264 6.84 0.67 17.20
CA SER B 264 5.84 1.01 18.23
C SER B 264 6.04 0.26 19.54
N VAL B 265 5.80 0.95 20.66
CA VAL B 265 5.89 0.35 21.99
C VAL B 265 4.96 -0.84 22.10
N THR B 267 4.03 -3.03 19.76
CA THR B 267 4.28 -4.11 18.81
C THR B 267 5.09 -5.24 19.43
N ILE B 269 4.49 -7.34 21.89
CA ILE B 269 4.44 -7.55 23.33
C ILE B 269 4.64 -9.04 23.64
N LEU B 270 5.49 -9.34 24.63
CA LEU B 270 5.65 -10.70 25.11
C LEU B 270 4.29 -11.27 25.42
N GLY B 271 3.97 -12.44 24.89
CA GLY B 271 2.66 -13.02 25.18
C GLY B 271 1.54 -12.56 24.26
N SER B 272 1.78 -11.55 23.42
CA SER B 272 0.75 -11.08 22.49
C SER B 272 0.48 -12.17 21.47
N THR B 273 -0.66 -12.07 20.79
CA THR B 273 -1.07 -13.08 19.81
C THR B 273 0.02 -13.39 18.78
N SER B 274 0.61 -12.36 18.20
CA SER B 274 1.62 -12.53 17.16
C SER B 274 2.90 -13.14 17.68
N GLU B 275 3.40 -12.58 18.76
CA GLU B 275 4.67 -13.02 19.31
C GLU B 275 4.56 -14.49 19.67
N SER B 276 3.38 -14.91 20.10
CA SER B 276 3.22 -16.30 20.54
C SER B 276 3.15 -17.21 19.33
N VAL B 277 2.32 -16.84 18.35
CA VAL B 277 2.18 -17.63 17.15
C VAL B 277 3.51 -17.73 16.41
N ILE B 278 4.22 -16.63 16.33
CA ILE B 278 5.51 -16.63 15.66
C ILE B 278 6.48 -17.60 16.33
N ARG B 279 6.44 -17.66 17.66
CA ARG B 279 7.41 -18.45 18.39
C ARG B 279 7.00 -19.93 18.49
N ARG B 280 5.69 -20.20 18.41
CA ARG B 280 5.21 -21.58 18.50
C ARG B 280 4.93 -22.25 17.15
N SER B 281 4.55 -21.47 16.14
CA SER B 281 4.10 -22.04 14.86
C SER B 281 5.07 -23.06 14.25
N PRO B 282 4.58 -24.24 13.84
CA PRO B 282 5.44 -25.20 13.15
C PRO B 282 5.58 -24.91 11.65
N VAL B 283 4.93 -23.83 11.18
CA VAL B 283 5.05 -23.44 9.77
C VAL B 283 5.50 -21.99 9.65
N PRO B 284 6.02 -21.60 8.47
CA PRO B 284 6.47 -20.23 8.26
C PRO B 284 5.37 -19.21 8.51
N VAL B 285 5.73 -18.10 9.16
CA VAL B 285 4.78 -17.07 9.53
C VAL B 285 5.15 -15.74 8.86
N PHE B 286 4.18 -15.19 8.14
CA PHE B 286 4.36 -13.95 7.41
C PHE B 286 3.71 -12.84 8.24
N VAL B 287 4.54 -11.88 8.67
CA VAL B 287 4.06 -10.79 9.52
C VAL B 287 4.17 -9.47 8.78
N CYS B 288 3.05 -8.85 8.41
CA CYS B 288 3.18 -7.55 7.77
C CYS B 288 2.77 -6.47 8.73
N LYS B 289 3.41 -5.32 8.60
CA LYS B 289 3.42 -4.39 9.72
C LYS B 289 2.73 -3.10 9.34
N ARG B 290 2.14 -3.11 8.15
CA ARG B 290 1.52 -1.94 7.55
C ARG B 290 2.50 -0.75 7.60
N GLY B 291 3.76 -1.02 7.27
CA GLY B 291 4.81 -0.01 7.28
C GLY B 291 4.89 0.78 8.58
#